data_3H8O
#
_entry.id   3H8O
#
_cell.length_a   79.110
_cell.length_b   79.110
_cell.length_c   242.270
_cell.angle_alpha   90.00
_cell.angle_beta   90.00
_cell.angle_gamma   120.00
#
_symmetry.space_group_name_H-M   'P 65 2 2'
#
loop_
_entity.id
_entity.type
_entity.pdbx_description
1 polymer 'Alpha-ketoglutarate-dependent dioxygenase alkB homolog 2'
2 polymer "5'-D(*CP*TP*GP*TP*AP*TP*(2YR)P*AP*TP*(MA7)P*GP*CP*G)-3'"
3 polymer "5'-D(*TP*CP*GP*CP*TP*AP*TP*AP*AP*TP*AP*CP*A)-3'"
4 non-polymer GLYCEROL
5 water water
#
loop_
_entity_poly.entity_id
_entity_poly.type
_entity_poly.pdbx_seq_one_letter_code
_entity_poly.pdbx_strand_id
1 'polypeptide(L)'
;GSHSWRHIRAEGLDSSYTVLFGKAEADEIFQELEKEVEYFTGALARVQVFGKWHSVPRKQATYGDAGLTYTFSGLTLSPK
PWIPVLERIRDHVSGVTGQTFNFVLINRYKDGSDHIGEHRDDCRELAPGSPIASVSFGASRDFVFRHKDSRGKSPSRRVA
VVRLPLAHGSLLMMNHPTNTHWYHSLPVRKKVLAPRVNLTFRKILLTKK
;
A
2 'polydeoxyribonucleotide' (DC)(DT)(DG)(DT)(DA)(DT)(2YR)(DA)(DT)(MA7)(DG)(DC)(DG) B
3 'polydeoxyribonucleotide' (DT)(DC)(DG)(DC)(DT)(DA)(DT)(DA)(DA)(DT)(DA)(DC)(DA) C
#
loop_
_chem_comp.id
_chem_comp.type
_chem_comp.name
_chem_comp.formula
2YR non-polymer '2'-deoxy-N-(2-sulfanylethyl)cytidine 5'-(dihydrogen phosphate)' 'C11 H18 N3 O7 P S'
DA DNA linking 2'-DEOXYADENOSINE-5'-MONOPHOSPHATE 'C10 H14 N5 O6 P'
DC DNA linking 2'-DEOXYCYTIDINE-5'-MONOPHOSPHATE 'C9 H14 N3 O7 P'
DG DNA linking 2'-DEOXYGUANOSINE-5'-MONOPHOSPHATE 'C10 H14 N5 O7 P'
DT DNA linking THYMIDINE-5'-MONOPHOSPHATE 'C10 H15 N2 O8 P'
GOL non-polymer GLYCEROL 'C3 H8 O3'
MA7 DNA linking 1N-METHYLADENOSINE-5'-MONOPHOSPHATE 'C11 H17 N5 O6 P 1'
#
# COMPACT_ATOMS: atom_id res chain seq x y z
N GLY A 1 -1.30 2.82 -25.89
CA GLY A 1 -0.37 2.18 -24.91
C GLY A 1 1.13 2.34 -25.19
N SER A 2 1.96 1.41 -24.71
CA SER A 2 1.56 0.12 -24.13
C SER A 2 0.55 0.10 -22.95
N HIS A 3 0.44 1.15 -22.15
CA HIS A 3 -0.61 1.16 -21.12
C HIS A 3 -1.45 2.40 -21.21
N SER A 4 -2.57 2.40 -20.48
CA SER A 4 -3.50 3.52 -20.44
C SER A 4 -3.66 3.99 -18.99
N TRP A 5 -3.09 5.15 -18.67
CA TRP A 5 -3.08 5.63 -17.28
C TRP A 5 -4.10 6.74 -17.00
N ARG A 6 -4.68 6.73 -15.80
CA ARG A 6 -5.37 7.92 -15.27
C ARG A 6 -4.39 8.67 -14.37
N HIS A 7 -4.01 9.88 -14.75
CA HIS A 7 -3.06 10.64 -13.94
C HIS A 7 -3.75 11.40 -12.81
N ILE A 8 -3.21 11.23 -11.59
CA ILE A 8 -3.70 11.95 -10.42
C ILE A 8 -2.70 13.02 -10.02
N ARG A 9 -3.03 14.29 -10.28
CA ARG A 9 -2.11 15.39 -9.97
C ARG A 9 -2.76 16.56 -9.24
N ALA A 10 -1.94 17.26 -8.45
CA ALA A 10 -2.33 18.41 -7.65
C ALA A 10 -1.04 18.92 -7.01
N GLU A 11 -1.10 19.98 -6.22
CA GLU A 11 0.13 20.55 -5.68
C GLU A 11 1.02 19.60 -4.89
N GLY A 12 2.20 19.31 -5.44
CA GLY A 12 3.14 18.37 -4.83
C GLY A 12 2.73 16.90 -4.90
N LEU A 13 1.69 16.60 -5.69
CA LEU A 13 1.15 15.22 -5.81
C LEU A 13 1.35 14.72 -7.23
N ASP A 14 1.97 13.55 -7.38
CA ASP A 14 2.19 12.94 -8.70
C ASP A 14 2.04 11.42 -8.70
N SER A 15 0.84 10.93 -9.00
CA SER A 15 0.53 9.48 -9.06
C SER A 15 -0.23 9.09 -10.34
N SER A 16 -0.32 7.77 -10.61
CA SER A 16 -1.02 7.24 -11.78
C SER A 16 -1.75 5.89 -11.55
N TYR A 17 -2.98 5.72 -12.09
CA TYR A 17 -3.83 4.51 -11.81
C TYR A 17 -4.18 3.76 -13.11
N THR A 18 -4.14 2.42 -13.06
CA THR A 18 -4.47 1.57 -14.21
C THR A 18 -4.95 0.16 -13.78
N VAL A 19 -5.71 -0.53 -14.64
CA VAL A 19 -6.17 -1.89 -14.35
C VAL A 19 -5.29 -2.94 -15.07
N LEU A 20 -4.61 -3.80 -14.31
CA LEU A 20 -3.67 -4.77 -14.87
C LEU A 20 -4.32 -6.10 -15.30
N PHE A 21 -5.31 -6.59 -14.53
CA PHE A 21 -5.85 -7.94 -14.74
C PHE A 21 -7.41 -7.96 -14.89
N GLY A 22 -7.93 -8.83 -15.76
CA GLY A 22 -9.39 -9.09 -15.83
C GLY A 22 -9.96 -9.92 -14.69
N LYS A 23 -11.28 -10.11 -14.65
CA LYS A 23 -11.90 -10.72 -13.46
C LYS A 23 -11.47 -12.18 -13.22
N ALA A 24 -11.43 -12.98 -14.29
CA ALA A 24 -11.04 -14.38 -14.14
C ALA A 24 -9.61 -14.50 -13.58
N GLU A 25 -8.66 -13.80 -14.18
CA GLU A 25 -7.26 -13.88 -13.74
C GLU A 25 -7.10 -13.31 -12.31
N ALA A 26 -7.73 -12.17 -12.05
CA ALA A 26 -7.67 -11.58 -10.72
C ALA A 26 -8.26 -12.49 -9.61
N ASP A 27 -9.32 -13.24 -9.94
CA ASP A 27 -9.90 -14.24 -9.01
C ASP A 27 -8.89 -15.37 -8.69
N GLU A 28 -8.19 -15.86 -9.73
CA GLU A 28 -7.15 -16.87 -9.54
C GLU A 28 -6.03 -16.39 -8.61
N ILE A 29 -5.50 -15.20 -8.88
CA ILE A 29 -4.41 -14.63 -8.05
C ILE A 29 -4.83 -14.43 -6.58
N PHE A 30 -6.03 -13.90 -6.38
CA PHE A 30 -6.61 -13.75 -5.03
C PHE A 30 -6.70 -15.09 -4.29
N GLN A 31 -7.20 -16.14 -4.96
CA GLN A 31 -7.24 -17.46 -4.30
C GLN A 31 -5.84 -17.97 -3.93
N GLU A 32 -4.86 -17.84 -4.84
CA GLU A 32 -3.48 -18.22 -4.52
C GLU A 32 -2.85 -17.39 -3.37
N LEU A 33 -3.07 -16.08 -3.36
CA LEU A 33 -2.67 -15.24 -2.20
C LEU A 33 -3.28 -15.70 -0.86
N GLU A 34 -4.57 -16.01 -0.84
CA GLU A 34 -5.19 -16.53 0.38
C GLU A 34 -4.59 -17.87 0.81
N LYS A 35 -4.20 -18.71 -0.16
CA LYS A 35 -3.61 -20.00 0.19
C LYS A 35 -2.18 -19.90 0.73
N GLU A 36 -1.38 -18.98 0.18
CA GLU A 36 0.09 -18.97 0.42
C GLU A 36 0.73 -17.92 1.36
N VAL A 37 0.16 -16.71 1.45
CA VAL A 37 0.74 -15.66 2.33
C VAL A 37 0.65 -15.99 3.84
N GLU A 38 1.75 -15.81 4.56
CA GLU A 38 1.80 -16.01 6.02
C GLU A 38 1.86 -14.65 6.75
N TYR A 39 0.84 -14.35 7.57
CA TYR A 39 0.69 -13.06 8.25
C TYR A 39 1.29 -13.05 9.68
N PHE A 40 1.88 -11.93 10.09
CA PHE A 40 2.40 -11.74 11.45
C PHE A 40 1.27 -11.85 12.50
N THR A 41 1.60 -12.38 13.70
CA THR A 41 0.65 -12.46 14.81
C THR A 41 1.28 -11.97 16.14
N GLY A 42 0.47 -11.82 17.20
CA GLY A 42 1.02 -11.63 18.56
C GLY A 42 1.86 -10.35 18.73
N ALA A 43 3.08 -10.49 19.24
CA ALA A 43 3.97 -9.32 19.47
C ALA A 43 4.41 -8.60 18.19
N LEU A 44 4.33 -9.30 17.05
CA LEU A 44 4.67 -8.66 15.79
C LEU A 44 3.44 -8.04 15.10
N ALA A 45 2.33 -7.90 15.82
CA ALA A 45 1.15 -7.20 15.30
C ALA A 45 0.63 -6.09 16.24
N ARG A 46 1.52 -5.55 17.08
CA ARG A 46 1.16 -4.41 17.96
C ARG A 46 2.08 -3.20 17.70
N VAL A 47 1.47 -2.01 17.67
CA VAL A 47 2.18 -0.74 17.48
C VAL A 47 1.90 0.27 18.61
N GLN A 48 2.75 1.31 18.70
CA GLN A 48 2.72 2.33 19.75
C GLN A 48 2.48 3.70 19.11
N VAL A 49 1.38 4.38 19.48
CA VAL A 49 1.01 5.68 18.87
C VAL A 49 0.42 6.57 19.96
N PHE A 50 0.91 7.80 20.06
CA PHE A 50 0.48 8.71 21.14
C PHE A 50 0.64 8.08 22.54
N GLY A 51 1.69 7.29 22.73
CA GLY A 51 1.99 6.69 24.03
C GLY A 51 1.19 5.44 24.44
N LYS A 52 0.34 4.92 23.55
CA LYS A 52 -0.49 3.73 23.86
C LYS A 52 -0.29 2.63 22.84
N TRP A 53 -0.36 1.37 23.30
CA TRP A 53 -0.17 0.20 22.44
C TRP A 53 -1.53 -0.38 21.93
N HIS A 54 -1.59 -0.80 20.67
CA HIS A 54 -2.81 -1.38 20.05
C HIS A 54 -2.47 -2.55 19.11
N SER A 55 -3.36 -3.54 19.03
CA SER A 55 -3.28 -4.54 17.96
C SER A 55 -3.79 -3.89 16.65
N VAL A 56 -3.14 -4.15 15.52
CA VAL A 56 -3.51 -3.45 14.27
C VAL A 56 -4.88 -3.95 13.76
N PRO A 57 -5.77 -3.04 13.28
CA PRO A 57 -7.14 -3.45 12.84
C PRO A 57 -7.17 -4.04 11.41
N ARG A 58 -6.38 -5.12 11.20
CA ARG A 58 -6.13 -5.73 9.88
C ARG A 58 -5.07 -6.85 10.10
N LYS A 59 -4.57 -7.48 9.03
CA LYS A 59 -3.40 -8.38 9.14
C LYS A 59 -2.24 -7.85 8.23
N GLN A 60 -0.97 -8.04 8.64
CA GLN A 60 0.24 -7.57 7.87
C GLN A 60 1.32 -8.68 7.65
N ALA A 61 2.07 -8.58 6.54
CA ALA A 61 3.24 -9.45 6.24
C ALA A 61 4.34 -8.68 5.46
N THR A 62 5.61 -9.11 5.55
CA THR A 62 6.72 -8.51 4.74
C THR A 62 7.61 -9.56 4.08
N TYR A 63 7.98 -9.34 2.81
CA TYR A 63 8.85 -10.27 2.04
C TYR A 63 9.94 -9.43 1.31
N GLY A 64 11.11 -10.01 1.02
CA GLY A 64 12.18 -9.27 0.30
C GLY A 64 13.60 -9.84 0.39
N ASP A 65 14.59 -9.14 -0.16
CA ASP A 65 16.02 -9.58 -0.12
C ASP A 65 16.57 -9.69 1.31
N ALA A 66 17.57 -10.55 1.50
CA ALA A 66 18.17 -10.77 2.82
C ALA A 66 18.88 -9.54 3.38
N GLY A 67 18.74 -9.31 4.68
CA GLY A 67 19.48 -8.24 5.34
C GLY A 67 18.68 -6.99 5.64
N LEU A 68 17.69 -6.71 4.80
CA LEU A 68 16.87 -5.51 4.97
C LEU A 68 15.95 -5.61 6.22
N THR A 69 15.61 -4.45 6.80
CA THR A 69 14.60 -4.35 7.86
C THR A 69 13.69 -3.14 7.58
N TYR A 70 12.54 -3.10 8.26
CA TYR A 70 11.48 -2.10 8.02
C TYR A 70 10.89 -1.72 9.38
N THR A 71 10.99 -0.46 9.77
CA THR A 71 10.60 -0.02 11.12
C THR A 71 9.62 1.15 11.09
N PHE A 72 8.50 1.04 11.81
CA PHE A 72 7.55 2.14 11.97
C PHE A 72 6.73 1.99 13.28
N SER A 73 6.30 3.12 13.85
CA SER A 73 5.45 3.11 15.07
C SER A 73 5.91 2.10 16.16
N GLY A 74 7.22 2.01 16.38
CA GLY A 74 7.81 1.20 17.47
C GLY A 74 7.91 -0.29 17.17
N LEU A 75 7.62 -0.66 15.92
CA LEU A 75 7.63 -2.07 15.50
C LEU A 75 8.68 -2.29 14.39
N THR A 76 9.58 -3.27 14.57
CA THR A 76 10.57 -3.63 13.53
C THR A 76 10.21 -4.99 12.93
N LEU A 77 10.06 -5.02 11.60
CA LEU A 77 9.67 -6.21 10.85
C LEU A 77 10.84 -6.72 9.98
N SER A 78 11.08 -8.04 9.98
CA SER A 78 12.13 -8.62 9.12
C SER A 78 11.50 -9.41 7.98
N PRO A 79 12.05 -9.30 6.76
CA PRO A 79 11.36 -9.86 5.60
C PRO A 79 11.54 -11.37 5.38
N LYS A 80 10.47 -12.06 5.00
CA LYS A 80 10.59 -13.48 4.60
C LYS A 80 11.14 -13.62 3.17
N PRO A 81 11.78 -14.77 2.86
CA PRO A 81 12.26 -15.02 1.50
C PRO A 81 11.15 -15.00 0.44
N TRP A 82 11.46 -14.51 -0.77
CA TRP A 82 10.46 -14.38 -1.85
C TRP A 82 9.77 -15.72 -2.18
N ILE A 83 8.48 -15.68 -2.50
CA ILE A 83 7.76 -16.87 -3.02
C ILE A 83 7.22 -16.58 -4.42
N PRO A 84 6.91 -17.65 -5.19
CA PRO A 84 6.52 -17.54 -6.60
C PRO A 84 5.39 -16.54 -6.94
N VAL A 85 4.28 -16.58 -6.21
CA VAL A 85 3.19 -15.67 -6.54
C VAL A 85 3.64 -14.19 -6.43
N LEU A 86 4.44 -13.89 -5.41
CA LEU A 86 4.97 -12.52 -5.21
C LEU A 86 6.04 -12.13 -6.24
N GLU A 87 6.86 -13.10 -6.67
CA GLU A 87 7.87 -12.85 -7.70
C GLU A 87 7.21 -12.54 -9.06
N ARG A 88 6.15 -13.26 -9.37
CA ARG A 88 5.42 -13.03 -10.62
C ARG A 88 4.80 -11.62 -10.69
N ILE A 89 4.19 -11.17 -9.61
CA ILE A 89 3.60 -9.82 -9.56
C ILE A 89 4.68 -8.73 -9.68
N ARG A 90 5.74 -8.84 -8.88
CA ARG A 90 6.91 -7.95 -8.95
C ARG A 90 7.45 -7.83 -10.38
N ASP A 91 7.69 -8.95 -11.03
CA ASP A 91 8.26 -8.94 -12.39
C ASP A 91 7.33 -8.26 -13.42
N HIS A 92 6.03 -8.51 -13.31
CA HIS A 92 5.04 -7.87 -14.20
C HIS A 92 5.06 -6.35 -13.99
N VAL A 93 5.01 -5.88 -12.75
CA VAL A 93 5.10 -4.44 -12.45
C VAL A 93 6.41 -3.79 -12.98
N SER A 94 7.55 -4.46 -12.81
CA SER A 94 8.83 -3.94 -13.32
C SER A 94 8.84 -3.81 -14.85
N GLY A 95 8.28 -4.81 -15.53
CA GLY A 95 8.17 -4.79 -16.98
C GLY A 95 7.34 -3.63 -17.48
N VAL A 96 6.22 -3.35 -16.82
N VAL A 96 6.22 -3.35 -16.84
CA VAL A 96 5.31 -2.28 -17.26
CA VAL A 96 5.34 -2.28 -17.34
C VAL A 96 5.83 -0.87 -16.96
C VAL A 96 5.76 -0.87 -16.92
N THR A 97 6.57 -0.73 -15.87
CA THR A 97 6.99 0.60 -15.43
C THR A 97 8.45 1.00 -15.70
N GLY A 98 9.32 0.02 -15.88
CA GLY A 98 10.75 0.30 -16.03
C GLY A 98 11.52 0.51 -14.72
N GLN A 99 10.85 0.35 -13.58
CA GLN A 99 11.49 0.51 -12.26
C GLN A 99 11.80 -0.85 -11.63
N THR A 100 12.64 -0.84 -10.59
CA THR A 100 12.99 -2.09 -9.90
C THR A 100 12.73 -1.99 -8.39
N PHE A 101 12.48 -3.12 -7.74
CA PHE A 101 12.05 -3.16 -6.32
C PHE A 101 12.73 -4.35 -5.64
N ASN A 102 13.08 -4.19 -4.36
CA ASN A 102 13.69 -5.28 -3.58
C ASN A 102 12.94 -5.69 -2.30
N PHE A 103 11.70 -5.20 -2.15
CA PHE A 103 10.94 -5.39 -0.90
C PHE A 103 9.41 -5.24 -1.15
N VAL A 104 8.57 -5.98 -0.42
CA VAL A 104 7.09 -5.77 -0.46
C VAL A 104 6.37 -5.87 0.89
N LEU A 105 5.46 -4.91 1.15
CA LEU A 105 4.57 -4.92 2.32
C LEU A 105 3.12 -5.32 1.94
N ILE A 106 2.55 -6.27 2.68
CA ILE A 106 1.19 -6.77 2.39
C ILE A 106 0.18 -6.46 3.53
N ASN A 107 -0.94 -5.80 3.21
CA ASN A 107 -2.01 -5.54 4.20
C ASN A 107 -3.35 -6.21 3.80
N ARG A 108 -3.96 -7.00 4.70
CA ARG A 108 -5.28 -7.67 4.43
C ARG A 108 -6.43 -7.16 5.32
N TYR A 109 -7.53 -6.74 4.68
CA TYR A 109 -8.74 -6.16 5.34
C TYR A 109 -9.94 -7.18 5.23
N LYS A 110 -10.38 -7.80 6.34
CA LYS A 110 -11.35 -8.93 6.28
C LYS A 110 -12.76 -8.56 5.81
N ASP A 111 -13.14 -7.32 6.08
CA ASP A 111 -14.41 -6.76 5.67
C ASP A 111 -14.29 -5.24 5.86
N GLY A 112 -15.40 -4.52 5.72
CA GLY A 112 -15.34 -3.04 5.76
C GLY A 112 -15.00 -2.41 7.11
N SER A 113 -15.06 -3.19 8.19
CA SER A 113 -14.67 -2.67 9.51
CA SER A 113 -14.68 -2.67 9.51
C SER A 113 -13.16 -2.69 9.77
N ASP A 114 -12.39 -3.51 9.02
CA ASP A 114 -10.88 -3.44 9.07
C ASP A 114 -10.44 -2.20 8.27
N HIS A 115 -9.33 -1.54 8.67
CA HIS A 115 -8.92 -0.23 8.09
C HIS A 115 -7.43 0.13 8.39
N ILE A 116 -6.93 1.28 7.88
CA ILE A 116 -5.57 1.84 8.26
C ILE A 116 -5.61 3.39 8.36
N GLY A 117 -4.92 3.95 9.37
CA GLY A 117 -4.92 5.40 9.64
C GLY A 117 -3.96 6.24 8.80
N GLU A 118 -4.10 7.57 8.86
CA GLU A 118 -3.30 8.52 8.06
C GLU A 118 -1.78 8.51 8.29
N HIS A 119 -0.99 8.45 7.21
CA HIS A 119 0.49 8.55 7.34
C HIS A 119 1.18 8.84 6.00
N ARG A 120 2.44 9.30 6.07
CA ARG A 120 3.35 9.40 4.90
C ARG A 120 4.37 8.23 4.80
N ASP A 121 4.75 7.83 3.59
CA ASP A 121 5.81 6.83 3.43
C ASP A 121 7.20 7.45 3.24
N ASP A 122 7.84 7.83 4.34
CA ASP A 122 9.12 8.54 4.23
C ASP A 122 10.19 8.14 5.25
N CYS A 123 10.24 6.88 5.66
CA CYS A 123 11.29 6.44 6.59
C CYS A 123 12.69 6.54 5.98
N ARG A 124 13.70 6.62 6.83
CA ARG A 124 15.10 6.76 6.40
C ARG A 124 15.61 5.63 5.50
N GLU A 125 15.08 4.43 5.66
CA GLU A 125 15.60 3.30 4.89
C GLU A 125 15.14 3.25 3.43
N LEU A 126 14.23 4.16 3.04
CA LEU A 126 13.82 4.24 1.63
C LEU A 126 14.84 5.01 0.81
N ALA A 127 15.23 4.47 -0.34
CA ALA A 127 16.17 5.14 -1.23
C ALA A 127 15.60 6.51 -1.64
N PRO A 128 16.41 7.57 -1.57
CA PRO A 128 15.98 8.92 -1.93
C PRO A 128 15.40 9.03 -3.35
N GLY A 129 14.14 9.44 -3.45
CA GLY A 129 13.50 9.69 -4.75
C GLY A 129 12.88 8.52 -5.49
N SER A 130 12.86 7.34 -4.88
CA SER A 130 12.32 6.15 -5.55
C SER A 130 10.78 6.06 -5.50
N PRO A 131 10.15 5.45 -6.52
CA PRO A 131 8.70 5.33 -6.47
C PRO A 131 8.20 4.10 -5.70
N ILE A 132 6.91 4.09 -5.37
CA ILE A 132 6.23 2.98 -4.67
C ILE A 132 5.04 2.44 -5.48
N ALA A 133 4.95 1.12 -5.65
CA ALA A 133 3.87 0.52 -6.46
C ALA A 133 2.80 -0.27 -5.64
N SER A 134 1.54 0.14 -5.75
CA SER A 134 0.41 -0.44 -4.94
C SER A 134 -0.62 -1.29 -5.74
N VAL A 135 -0.65 -2.61 -5.52
CA VAL A 135 -1.52 -3.55 -6.29
C VAL A 135 -2.64 -4.19 -5.41
N SER A 136 -3.92 -4.15 -5.85
CA SER A 136 -5.07 -4.62 -5.01
C SER A 136 -5.90 -5.80 -5.58
N PHE A 137 -6.35 -6.72 -4.70
CA PHE A 137 -7.21 -7.87 -5.06
C PHE A 137 -8.42 -8.05 -4.11
N GLY A 138 -9.59 -8.45 -4.64
CA GLY A 138 -10.78 -8.68 -3.77
C GLY A 138 -11.85 -7.58 -3.81
N ALA A 139 -12.45 -7.24 -2.67
CA ALA A 139 -13.52 -6.22 -2.64
C ALA A 139 -12.97 -4.81 -2.95
N SER A 140 -13.71 -4.02 -3.72
CA SER A 140 -13.31 -2.62 -3.96
C SER A 140 -13.34 -1.83 -2.63
N ARG A 141 -12.34 -0.98 -2.39
CA ARG A 141 -12.32 -0.08 -1.20
C ARG A 141 -11.90 1.37 -1.59
N ASP A 142 -12.45 2.36 -0.91
CA ASP A 142 -12.11 3.79 -1.09
C ASP A 142 -10.75 4.18 -0.45
N PHE A 143 -9.87 4.86 -1.21
CA PHE A 143 -8.49 5.32 -0.79
C PHE A 143 -8.44 6.87 -0.78
N VAL A 144 -7.86 7.50 0.25
CA VAL A 144 -7.91 8.96 0.45
C VAL A 144 -6.52 9.64 0.67
N PHE A 145 -6.22 10.69 -0.11
CA PHE A 145 -4.97 11.49 -0.01
C PHE A 145 -5.30 12.84 0.66
N ARG A 146 -4.50 13.25 1.65
CA ARG A 146 -4.69 14.57 2.31
C ARG A 146 -3.37 15.39 2.47
N HIS A 147 -3.39 16.67 2.05
CA HIS A 147 -2.17 17.49 2.05
C HIS A 147 -1.67 17.83 3.47
N LYS A 148 -0.37 17.73 3.70
CA LYS A 148 0.18 17.96 5.06
C LYS A 148 -0.24 19.32 5.67
N ASP A 149 -0.28 20.36 4.85
CA ASP A 149 -0.61 21.71 5.35
C ASP A 149 -2.09 21.89 5.66
N SER A 150 -2.91 20.88 5.39
CA SER A 150 -4.36 21.03 5.58
C SER A 150 -4.89 20.19 6.74
N ARG A 151 -4.00 19.61 7.53
CA ARG A 151 -4.43 18.70 8.59
C ARG A 151 -4.65 19.42 9.92
N GLY A 152 -5.46 18.81 10.79
CA GLY A 152 -5.64 19.29 12.16
C GLY A 152 -6.59 20.46 12.35
N LYS A 153 -6.70 20.89 13.61
CA LYS A 153 -7.67 21.88 14.07
C LYS A 153 -7.98 23.23 13.41
N SER A 154 -6.96 24.09 13.23
CA SER A 154 -6.97 25.19 12.26
C SER A 154 -5.66 25.23 11.44
N PRO A 155 -5.67 24.56 10.27
CA PRO A 155 -4.50 24.32 9.43
C PRO A 155 -4.05 25.58 8.68
N SER A 156 -2.84 25.53 8.13
CA SER A 156 -2.24 26.67 7.42
C SER A 156 -2.99 27.04 6.13
N ARG A 157 -3.40 26.04 5.35
CA ARG A 157 -4.18 26.26 4.14
C ARG A 157 -5.26 25.20 4.07
N ARG A 158 -6.13 25.27 3.07
CA ARG A 158 -7.06 24.15 2.93
C ARG A 158 -7.18 23.54 1.52
N VAL A 159 -6.21 22.70 1.19
CA VAL A 159 -6.16 21.98 -0.08
C VAL A 159 -7.19 20.84 -0.05
N ALA A 160 -7.96 20.71 -1.12
CA ALA A 160 -9.01 19.70 -1.19
C ALA A 160 -8.42 18.29 -1.08
N VAL A 161 -9.16 17.40 -0.43
CA VAL A 161 -8.81 15.98 -0.35
C VAL A 161 -8.96 15.31 -1.72
N VAL A 162 -8.23 14.22 -1.98
CA VAL A 162 -8.39 13.47 -3.24
C VAL A 162 -8.81 12.01 -2.97
N ARG A 163 -9.95 11.56 -3.52
CA ARG A 163 -10.48 10.22 -3.22
C ARG A 163 -10.62 9.37 -4.48
N LEU A 164 -10.24 8.10 -4.41
N LEU A 164 -10.30 8.08 -4.34
CA LEU A 164 -10.53 7.20 -5.53
CA LEU A 164 -10.27 7.11 -5.43
C LEU A 164 -10.76 5.78 -5.03
C LEU A 164 -10.72 5.70 -4.97
N PRO A 165 -11.63 5.03 -5.70
CA PRO A 165 -11.83 3.62 -5.38
C PRO A 165 -10.73 2.77 -6.04
N LEU A 166 -10.14 1.84 -5.30
CA LEU A 166 -9.17 0.91 -5.88
C LEU A 166 -9.84 -0.46 -6.16
N ALA A 167 -10.00 -0.80 -7.45
CA ALA A 167 -10.73 -2.03 -7.83
C ALA A 167 -9.87 -3.32 -7.83
N HIS A 168 -10.57 -4.46 -7.83
CA HIS A 168 -10.00 -5.80 -8.00
C HIS A 168 -9.08 -5.82 -9.23
N GLY A 169 -7.80 -6.18 -9.06
CA GLY A 169 -6.82 -6.26 -10.16
C GLY A 169 -6.09 -4.99 -10.61
N SER A 170 -6.09 -3.93 -9.80
CA SER A 170 -5.55 -2.61 -10.20
C SER A 170 -4.12 -2.24 -9.68
N LEU A 171 -3.49 -1.25 -10.32
CA LEU A 171 -2.17 -0.70 -9.90
C LEU A 171 -2.22 0.83 -9.70
N LEU A 172 -1.73 1.31 -8.53
CA LEU A 172 -1.49 2.75 -8.28
C LEU A 172 0.02 3.02 -8.06
N MET A 173 0.65 3.78 -8.97
CA MET A 173 2.05 4.23 -8.82
C MET A 173 2.13 5.57 -8.06
N MET A 174 2.93 5.62 -7.01
CA MET A 174 3.11 6.86 -6.25
C MET A 174 4.55 7.37 -6.42
N ASN A 175 4.71 8.44 -7.21
CA ASN A 175 6.01 9.00 -7.60
C ASN A 175 6.48 10.20 -6.78
N HIS A 176 7.81 10.40 -6.72
CA HIS A 176 8.40 11.57 -6.05
C HIS A 176 7.86 12.87 -6.68
N PRO A 177 7.54 13.89 -5.84
CA PRO A 177 7.65 13.97 -4.40
C PRO A 177 6.35 13.71 -3.62
N THR A 178 5.45 12.86 -4.15
CA THR A 178 4.15 12.61 -3.51
C THR A 178 4.23 12.43 -1.99
N ASN A 179 5.19 11.63 -1.53
CA ASN A 179 5.28 11.27 -0.11
C ASN A 179 6.04 12.22 0.80
N THR A 180 6.60 13.30 0.26
CA THR A 180 7.13 14.32 1.15
C THR A 180 6.00 15.28 1.52
N HIS A 181 5.00 15.38 0.64
CA HIS A 181 3.94 16.39 0.76
C HIS A 181 2.52 15.93 1.19
N TRP A 182 2.17 14.66 0.98
CA TRP A 182 0.79 14.16 1.18
C TRP A 182 0.70 12.91 2.07
N TYR A 183 -0.28 12.90 3.00
CA TYR A 183 -0.65 11.71 3.78
C TYR A 183 -1.71 10.84 3.03
N HIS A 184 -1.79 9.54 3.34
CA HIS A 184 -2.88 8.68 2.81
C HIS A 184 -3.49 7.73 3.88
N SER A 185 -4.70 7.22 3.61
CA SER A 185 -5.42 6.24 4.50
C SER A 185 -6.50 5.38 3.77
N LEU A 186 -7.03 4.35 4.45
CA LEU A 186 -8.17 3.51 3.95
C LEU A 186 -9.29 3.44 5.01
N PRO A 187 -10.32 4.32 4.90
CA PRO A 187 -11.34 4.45 5.96
C PRO A 187 -12.36 3.28 6.06
N VAL A 188 -12.97 3.12 7.24
CA VAL A 188 -14.08 2.14 7.45
C VAL A 188 -15.27 2.32 6.47
N ARG A 189 -15.80 1.22 5.92
CA ARG A 189 -16.98 1.25 5.02
C ARG A 189 -17.93 0.09 5.38
N LYS A 190 -18.96 0.37 6.19
CA LYS A 190 -19.77 -0.67 6.83
C LYS A 190 -20.60 -1.59 5.89
N LYS A 191 -20.92 -1.12 4.69
CA LYS A 191 -21.70 -1.95 3.79
C LYS A 191 -20.86 -3.03 3.06
N VAL A 192 -19.53 -2.92 3.13
CA VAL A 192 -18.63 -3.91 2.51
C VAL A 192 -18.53 -5.20 3.37
N LEU A 193 -18.93 -6.34 2.80
CA LEU A 193 -18.99 -7.61 3.55
C LEU A 193 -17.83 -8.58 3.27
N ALA A 194 -17.07 -8.36 2.19
CA ALA A 194 -16.03 -9.32 1.74
C ALA A 194 -14.58 -8.80 1.87
N PRO A 195 -13.59 -9.72 1.87
CA PRO A 195 -12.16 -9.37 2.10
C PRO A 195 -11.40 -8.70 0.92
N ARG A 196 -10.34 -7.94 1.26
CA ARG A 196 -9.39 -7.29 0.28
C ARG A 196 -7.89 -7.48 0.66
N VAL A 197 -7.04 -7.79 -0.31
CA VAL A 197 -5.57 -7.90 -0.07
C VAL A 197 -4.79 -6.84 -0.89
N ASN A 198 -3.95 -6.02 -0.22
CA ASN A 198 -3.11 -4.98 -0.88
C ASN A 198 -1.59 -5.22 -0.78
N LEU A 199 -0.86 -5.10 -1.91
CA LEU A 199 0.62 -5.22 -1.92
C LEU A 199 1.32 -3.90 -2.32
N THR A 200 2.28 -3.44 -1.49
CA THR A 200 3.12 -2.24 -1.84
C THR A 200 4.64 -2.50 -1.99
N PHE A 201 5.13 -2.44 -3.23
CA PHE A 201 6.55 -2.72 -3.57
C PHE A 201 7.43 -1.46 -3.45
N ARG A 202 8.65 -1.63 -2.92
CA ARG A 202 9.56 -0.54 -2.54
C ARG A 202 11.05 -0.85 -2.81
N LYS A 203 11.89 0.19 -2.79
CA LYS A 203 13.38 0.09 -2.87
C LYS A 203 14.04 0.49 -1.55
N ILE A 204 14.59 -0.49 -0.83
CA ILE A 204 15.08 -0.25 0.53
C ILE A 204 16.62 -0.26 0.59
N LEU A 205 17.18 0.64 1.39
CA LEU A 205 18.64 0.75 1.53
C LEU A 205 19.16 -0.23 2.57
N LEU A 206 20.33 -0.81 2.30
CA LEU A 206 20.91 -1.86 3.15
C LEU A 206 21.43 -1.38 4.51
P 2YR B 7 2.38 7.18 13.42
OP1 2YR B 7 2.67 7.86 12.11
OP2 2YR B 7 3.46 6.37 14.04
O5' 2YR B 7 1.13 6.20 13.23
C5' 2YR B 7 -0.17 6.58 12.64
C4' 2YR B 7 -0.77 5.49 11.72
O4' 2YR B 7 0.07 5.35 10.53
C3' 2YR B 7 -0.92 4.07 12.27
O3' 2YR B 7 -2.20 3.51 11.76
C2' 2YR B 7 0.33 3.37 11.73
C1' 2YR B 7 0.45 4.01 10.33
N1 2YR B 7 1.83 4.04 9.70
C2 2YR B 7 2.22 3.05 8.78
O2 2YR B 7 1.39 2.14 8.52
N3 2YR B 7 3.48 3.11 8.21
C4 2YR B 7 4.35 4.10 8.52
N4 2YR B 7 5.59 4.15 7.97
C5 2YR B 7 3.96 5.10 9.46
C6 2YR B 7 2.72 5.03 10.02
S 2YR B 7 8.35 4.00 5.70
C8 2YR B 7 7.70 3.14 7.17
C9 2YR B 7 6.17 3.12 7.12
C2 MA7 B 10 -13.41 5.96 18.15
C4 MA7 B 10 -12.67 7.76 19.48
C5 MA7 B 10 -12.28 8.41 18.33
C6 MA7 B 10 -12.45 7.81 17.07
C8 MA7 B 10 -11.86 9.69 20.06
P MA7 B 10 -12.37 3.07 21.57
OP1 MA7 B 10 -13.37 2.88 20.45
OP2 MA7 B 10 -12.49 2.23 22.80
O5' MA7 B 10 -12.43 4.60 22.07
N9 MA7 B 10 -12.43 8.57 20.53
N3 MA7 B 10 -13.25 6.52 19.36
N1 MA7 B 10 -13.02 6.58 17.01
N6 MA7 B 10 -12.04 8.45 15.95
N7 MA7 B 10 -11.77 9.61 18.70
CN MA7 B 10 -13.23 5.87 15.73
C2' MA7 B 10 -13.86 7.58 22.54
C5' MA7 B 10 -11.49 5.09 23.01
C4' MA7 B 10 -11.86 6.52 23.42
O4' MA7 B 10 -11.51 7.44 22.38
C1' MA7 B 10 -12.61 8.29 22.01
C3' MA7 B 10 -13.35 6.71 23.70
O3' MA7 B 10 -13.38 7.43 24.93
C1 GOL D . -0.86 -3.82 27.62
O1 GOL D . -2.20 -4.02 27.19
C2 GOL D . -0.76 -2.84 28.79
O2 GOL D . -2.04 -2.56 29.30
C3 GOL D . -0.03 -1.54 28.44
O3 GOL D . 0.77 -1.67 27.27
#